data_4G93
#
_entry.id   4G93
#
_cell.length_a   527.379
_cell.length_b   362.754
_cell.length_c   538.226
_cell.angle_alpha   90.00
_cell.angle_beta   105.13
_cell.angle_gamma   90.00
#
_symmetry.space_group_name_H-M   'C 1 2 1'
#
loop_
_entity.id
_entity.type
_entity.pdbx_description
1 polymer 'Capsid protein'
2 non-polymer N-[(1E)-1-bromo-1-(2-methoxyphenyl)-3-oxo-3-(piperidin-1-yl)prop-1-en-2-yl]-4-nitrobenzamide
#
_entity_poly.entity_id   1
_entity_poly.type   'polypeptide(L)'
_entity_poly.pdbx_seq_one_letter_code
;MDIDPYKEFGATVELLSFLPSDFFPSVRDLLDTAAALYRDALESPEHASPHHTALRQAILAWGDLMTLATWVGTNLEDPA
SRDLVVSYVNTNVGLKFRQLLWFHISALTFGRETVLEYLVSFGVWIRTPPAYRPPNAPILSTLPETTVVC
;
_entity_poly.pdbx_strand_id   A,B,C,D
#
# COMPACT_ATOMS: atom_id res chain seq x y z
N MET A 1 -0.56 -6.60 -7.28
CA MET A 1 -1.47 -5.43 -7.13
C MET A 1 -2.38 -5.25 -8.34
N ASP A 2 -3.64 -4.94 -8.09
CA ASP A 2 -4.61 -4.74 -9.16
C ASP A 2 -5.18 -3.33 -9.20
N ILE A 3 -5.46 -2.88 -10.42
CA ILE A 3 -6.03 -1.57 -10.68
C ILE A 3 -6.81 -1.69 -11.99
N ASP A 4 -7.37 -0.58 -12.46
CA ASP A 4 -8.13 -0.61 -13.71
C ASP A 4 -7.70 0.51 -14.64
N PRO A 5 -7.33 0.17 -15.89
CA PRO A 5 -6.90 1.17 -16.86
C PRO A 5 -8.00 2.18 -17.16
N TYR A 6 -9.25 1.74 -17.02
CA TYR A 6 -10.40 2.58 -17.28
C TYR A 6 -10.84 3.30 -16.02
N LYS A 7 -9.88 3.69 -15.20
CA LYS A 7 -10.20 4.38 -13.96
C LYS A 7 -10.63 5.82 -14.15
N GLU A 8 -9.65 6.69 -14.41
CA GLU A 8 -9.91 8.12 -14.59
C GLU A 8 -11.04 8.39 -15.59
N PHE A 9 -11.27 7.43 -16.47
CA PHE A 9 -12.31 7.56 -17.48
C PHE A 9 -13.64 7.06 -16.92
N GLY A 10 -13.67 6.81 -15.62
CA GLY A 10 -14.88 6.33 -14.97
C GLY A 10 -15.42 5.03 -15.53
N ALA A 11 -14.65 3.96 -15.38
CA ALA A 11 -15.05 2.65 -15.88
C ALA A 11 -14.33 1.51 -15.19
N THR A 12 -14.85 0.30 -15.35
CA THR A 12 -14.26 -0.88 -14.75
C THR A 12 -14.51 -2.11 -15.62
N VAL A 13 -13.55 -3.04 -15.60
CA VAL A 13 -13.68 -4.26 -16.37
C VAL A 13 -15.04 -4.88 -16.07
N GLU A 14 -15.57 -4.56 -14.89
CA GLU A 14 -16.86 -5.06 -14.45
C GLU A 14 -17.88 -4.95 -15.59
N LEU A 15 -17.99 -3.75 -16.14
CA LEU A 15 -18.93 -3.49 -17.23
C LEU A 15 -18.42 -4.06 -18.55
N LEU A 16 -17.14 -4.42 -18.57
CA LEU A 16 -16.55 -4.99 -19.75
C LEU A 16 -16.96 -6.46 -19.81
N SER A 17 -17.02 -7.10 -18.65
CA SER A 17 -17.41 -8.51 -18.58
C SER A 17 -18.71 -8.73 -19.33
N PHE A 18 -19.50 -7.66 -19.48
CA PHE A 18 -20.76 -7.74 -20.21
C PHE A 18 -20.43 -8.00 -21.66
N LEU A 19 -19.49 -7.22 -22.17
CA LEU A 19 -19.05 -7.34 -23.55
C LEU A 19 -18.40 -8.68 -23.83
N PRO A 20 -19.06 -9.51 -24.65
CA PRO A 20 -18.52 -10.83 -24.98
C PRO A 20 -17.16 -10.71 -25.62
N SER A 21 -16.20 -11.45 -25.08
CA SER A 21 -14.84 -11.45 -25.58
C SER A 21 -14.83 -11.39 -27.11
N ASP A 22 -15.66 -12.21 -27.74
CA ASP A 22 -15.73 -12.26 -29.20
C ASP A 22 -16.46 -11.08 -29.82
N PHE A 23 -16.37 -9.92 -29.18
CA PHE A 23 -17.03 -8.73 -29.70
C PHE A 23 -16.03 -7.80 -30.38
N PHE A 24 -15.07 -7.31 -29.60
CA PHE A 24 -14.06 -6.40 -30.12
C PHE A 24 -13.45 -6.99 -31.38
N PRO A 25 -13.46 -6.23 -32.48
CA PRO A 25 -12.89 -6.69 -33.75
C PRO A 25 -11.41 -7.02 -33.67
N SER A 26 -10.99 -8.06 -34.40
CA SER A 26 -9.60 -8.50 -34.40
C SER A 26 -8.62 -7.35 -34.24
N VAL A 27 -7.55 -7.62 -33.51
CA VAL A 27 -6.52 -6.65 -33.25
C VAL A 27 -6.07 -5.88 -34.49
N ARG A 28 -5.54 -6.61 -35.47
CA ARG A 28 -5.07 -5.98 -36.69
C ARG A 28 -6.06 -4.93 -37.17
N ASP A 29 -7.31 -5.35 -37.38
CA ASP A 29 -8.35 -4.45 -37.85
C ASP A 29 -8.30 -3.12 -37.10
N LEU A 30 -7.93 -3.19 -35.82
CA LEU A 30 -7.85 -2.00 -34.99
C LEU A 30 -6.57 -1.25 -35.27
N LEU A 31 -5.46 -1.99 -35.32
CA LEU A 31 -4.16 -1.40 -35.58
C LEU A 31 -4.25 -0.57 -36.85
N ASP A 32 -4.91 -1.12 -37.85
CA ASP A 32 -5.08 -0.42 -39.11
C ASP A 32 -5.92 0.83 -38.87
N THR A 33 -6.99 0.66 -38.11
CA THR A 33 -7.88 1.77 -37.80
C THR A 33 -7.12 2.91 -37.15
N ALA A 34 -5.98 2.60 -36.55
CA ALA A 34 -5.16 3.62 -35.93
C ALA A 34 -4.80 4.67 -36.97
N ALA A 35 -4.59 4.21 -38.20
CA ALA A 35 -4.24 5.07 -39.31
C ALA A 35 -5.30 6.15 -39.55
N ALA A 36 -6.33 6.14 -38.72
CA ALA A 36 -7.41 7.10 -38.83
C ALA A 36 -6.87 8.52 -38.67
N LEU A 37 -7.79 9.48 -38.57
CA LEU A 37 -7.43 10.88 -38.39
C LEU A 37 -6.67 11.05 -37.08
N TYR A 38 -6.56 9.95 -36.35
CA TYR A 38 -5.89 9.95 -35.06
C TYR A 38 -4.47 9.42 -35.13
N ARG A 39 -4.10 8.84 -36.27
CA ARG A 39 -2.76 8.30 -36.42
C ARG A 39 -1.71 9.41 -36.40
N ASP A 40 -1.63 10.14 -37.51
CA ASP A 40 -0.67 11.24 -37.66
C ASP A 40 -0.64 12.24 -36.50
N ALA A 41 -1.71 12.26 -35.71
CA ALA A 41 -1.79 13.18 -34.59
C ALA A 41 -1.21 12.61 -33.30
N LEU A 42 -0.52 11.48 -33.40
CA LEU A 42 0.09 10.87 -32.23
C LEU A 42 1.55 11.24 -32.14
N GLU A 43 2.20 11.30 -33.30
CA GLU A 43 3.60 11.66 -33.37
C GLU A 43 3.77 13.17 -33.17
N SER A 44 3.23 13.68 -32.07
CA SER A 44 3.31 15.09 -31.75
C SER A 44 3.52 15.26 -30.26
N PRO A 45 4.54 16.04 -29.87
CA PRO A 45 4.90 16.33 -28.47
C PRO A 45 3.75 16.74 -27.57
N GLU A 46 2.56 16.90 -28.13
CA GLU A 46 1.40 17.31 -27.35
C GLU A 46 0.58 16.14 -26.82
N HIS A 47 0.51 16.06 -25.50
CA HIS A 47 -0.22 15.01 -24.81
C HIS A 47 -1.68 15.00 -25.20
N ALA A 48 -2.31 16.17 -25.15
CA ALA A 48 -3.72 16.30 -25.47
C ALA A 48 -4.49 15.43 -24.50
N SER A 49 -5.59 14.82 -24.96
CA SER A 49 -6.37 13.96 -24.08
C SER A 49 -5.55 12.76 -23.66
N PRO A 50 -5.60 12.39 -22.37
CA PRO A 50 -4.84 11.26 -21.86
C PRO A 50 -5.06 10.00 -22.70
N HIS A 51 -6.17 9.98 -23.44
CA HIS A 51 -6.48 8.84 -24.29
C HIS A 51 -5.26 8.60 -25.15
N HIS A 52 -4.80 9.67 -25.80
CA HIS A 52 -3.61 9.59 -26.64
C HIS A 52 -2.52 8.96 -25.80
N THR A 53 -2.07 9.73 -24.82
CA THR A 53 -1.03 9.32 -23.90
C THR A 53 -1.10 7.81 -23.61
N ALA A 54 -2.08 7.41 -22.80
CA ALA A 54 -2.24 6.00 -22.44
C ALA A 54 -2.13 5.10 -23.66
N LEU A 55 -2.90 5.42 -24.68
CA LEU A 55 -2.91 4.65 -25.91
C LEU A 55 -1.55 4.18 -26.34
N ARG A 56 -0.59 5.11 -26.41
CA ARG A 56 0.76 4.77 -26.84
C ARG A 56 1.24 3.48 -26.19
N GLN A 57 1.32 3.47 -24.86
CA GLN A 57 1.76 2.29 -24.13
C GLN A 57 1.07 1.06 -24.67
N ALA A 58 -0.25 1.03 -24.57
CA ALA A 58 -1.03 -0.10 -25.05
C ALA A 58 -0.50 -0.52 -26.41
N ILE A 59 -0.14 0.47 -27.22
CA ILE A 59 0.39 0.19 -28.55
C ILE A 59 1.77 -0.39 -28.35
N LEU A 60 2.69 0.44 -27.86
CA LEU A 60 4.05 0.02 -27.60
C LEU A 60 4.06 -1.35 -26.97
N ALA A 61 3.51 -1.43 -25.75
CA ALA A 61 3.43 -2.67 -25.01
C ALA A 61 3.11 -3.81 -25.96
N TRP A 62 2.41 -3.50 -27.05
CA TRP A 62 2.07 -4.49 -28.05
C TRP A 62 3.04 -4.43 -29.22
N GLY A 63 3.25 -3.22 -29.75
CA GLY A 63 4.15 -3.05 -30.87
C GLY A 63 5.56 -3.44 -30.46
N ASP A 64 5.69 -3.84 -29.20
CA ASP A 64 6.97 -4.27 -28.65
C ASP A 64 6.69 -5.63 -28.00
N LEU A 65 5.47 -6.09 -28.23
CA LEU A 65 5.01 -7.38 -27.75
C LEU A 65 4.97 -8.27 -28.98
N MET A 66 4.54 -7.67 -30.08
CA MET A 66 4.47 -8.37 -31.34
C MET A 66 5.91 -8.56 -31.82
N THR A 67 6.68 -7.48 -31.80
CA THR A 67 8.09 -7.53 -32.22
C THR A 67 8.86 -8.37 -31.22
N LEU A 68 8.10 -9.10 -30.41
CA LEU A 68 8.65 -9.99 -29.39
C LEU A 68 8.15 -11.39 -29.71
N ALA A 69 6.88 -11.48 -30.09
CA ALA A 69 6.29 -12.76 -30.44
C ALA A 69 6.89 -13.24 -31.75
N THR A 70 7.41 -12.29 -32.53
CA THR A 70 8.05 -12.61 -33.80
C THR A 70 9.53 -12.86 -33.55
N TRP A 71 9.89 -12.95 -32.27
CA TRP A 71 11.28 -13.21 -31.89
C TRP A 71 11.37 -14.69 -31.54
N VAL A 72 10.26 -15.25 -31.07
CA VAL A 72 10.19 -16.65 -30.69
C VAL A 72 10.07 -17.51 -31.93
N GLY A 73 9.30 -17.03 -32.91
CA GLY A 73 9.11 -17.76 -34.15
C GLY A 73 10.36 -17.76 -35.02
N THR A 74 11.49 -17.38 -34.42
CA THR A 74 12.77 -17.35 -35.12
C THR A 74 13.83 -18.03 -34.26
N ASN A 75 13.88 -17.65 -32.99
CA ASN A 75 14.86 -18.21 -32.07
C ASN A 75 14.19 -19.26 -31.18
N LEU A 76 13.80 -20.36 -31.80
CA LEU A 76 13.14 -21.47 -31.10
C LEU A 76 13.54 -22.80 -31.75
N GLU A 77 13.83 -23.80 -30.93
CA GLU A 77 14.25 -25.12 -31.41
C GLU A 77 13.17 -26.20 -31.25
N ASP A 78 12.11 -25.89 -30.51
CA ASP A 78 11.01 -26.83 -30.27
C ASP A 78 9.71 -26.42 -30.99
N PRO A 79 9.58 -26.78 -32.28
CA PRO A 79 8.39 -26.46 -33.09
C PRO A 79 7.09 -27.01 -32.53
N ALA A 80 7.19 -27.72 -31.41
CA ALA A 80 6.02 -28.31 -30.78
C ALA A 80 5.29 -27.26 -29.93
N SER A 81 6.07 -26.44 -29.24
CA SER A 81 5.53 -25.40 -28.38
C SER A 81 5.66 -24.00 -29.00
N ARG A 82 5.88 -23.95 -30.30
CA ARG A 82 6.02 -22.68 -31.00
C ARG A 82 4.65 -22.07 -31.28
N ASP A 83 3.70 -22.91 -31.63
CA ASP A 83 2.33 -22.47 -31.94
C ASP A 83 1.44 -22.34 -30.71
N LEU A 84 1.97 -22.68 -29.54
CA LEU A 84 1.19 -22.58 -28.30
C LEU A 84 1.43 -21.25 -27.62
N VAL A 85 1.86 -20.26 -28.40
CA VAL A 85 2.10 -18.91 -27.90
C VAL A 85 0.94 -18.04 -28.35
N VAL A 86 0.59 -18.19 -29.63
CA VAL A 86 -0.52 -17.45 -30.20
C VAL A 86 -1.81 -18.02 -29.63
N SER A 87 -1.69 -19.14 -28.94
CA SER A 87 -2.84 -19.80 -28.32
C SER A 87 -3.14 -19.08 -27.01
N TYR A 88 -2.48 -17.94 -26.83
CA TYR A 88 -2.66 -17.12 -25.65
C TYR A 88 -2.65 -15.66 -26.11
N VAL A 89 -1.63 -15.33 -26.88
CA VAL A 89 -1.45 -13.99 -27.41
C VAL A 89 -2.67 -13.51 -28.21
N ASN A 90 -2.58 -13.64 -29.52
CA ASN A 90 -3.66 -13.22 -30.42
C ASN A 90 -5.03 -13.74 -30.00
N THR A 91 -5.07 -14.62 -29.01
CA THR A 91 -6.33 -15.20 -28.55
C THR A 91 -6.74 -14.93 -27.10
N ASN A 92 -6.17 -15.69 -26.17
CA ASN A 92 -6.50 -15.58 -24.75
C ASN A 92 -6.43 -14.18 -24.13
N VAL A 93 -5.31 -13.46 -24.56
CA VAL A 93 -5.10 -12.12 -24.05
C VAL A 93 -5.29 -10.99 -25.07
N GLY A 94 -5.42 -11.35 -26.31
CA GLY A 94 -5.50 -10.36 -27.37
C GLY A 94 -6.60 -9.40 -27.02
N LEU A 95 -7.66 -9.94 -26.42
CA LEU A 95 -8.80 -9.14 -26.01
C LEU A 95 -8.38 -8.20 -24.88
N LYS A 96 -7.53 -8.68 -23.98
CA LYS A 96 -7.04 -7.86 -22.87
C LYS A 96 -6.56 -6.54 -23.45
N PHE A 97 -6.29 -6.54 -24.74
CA PHE A 97 -5.84 -5.34 -25.43
C PHE A 97 -6.99 -4.84 -26.29
N ARG A 98 -7.59 -5.74 -27.07
CA ARG A 98 -8.70 -5.37 -27.92
C ARG A 98 -9.68 -4.50 -27.15
N GLN A 99 -9.88 -4.82 -25.88
CA GLN A 99 -10.77 -4.04 -25.05
C GLN A 99 -10.20 -2.63 -24.95
N LEU A 100 -9.00 -2.53 -24.40
CA LEU A 100 -8.33 -1.24 -24.25
C LEU A 100 -8.38 -0.53 -25.59
N LEU A 101 -7.69 -1.10 -26.57
CA LEU A 101 -7.64 -0.55 -27.92
C LEU A 101 -9.00 0.02 -28.30
N TRP A 102 -9.87 -0.86 -28.79
CA TRP A 102 -11.20 -0.46 -29.20
C TRP A 102 -11.70 0.69 -28.33
N PHE A 103 -11.62 0.48 -27.03
CA PHE A 103 -12.03 1.48 -26.07
C PHE A 103 -11.55 2.86 -26.49
N HIS A 104 -10.35 3.21 -26.06
CA HIS A 104 -9.77 4.51 -26.39
C HIS A 104 -10.21 4.94 -27.77
N ILE A 105 -9.72 4.23 -28.78
CA ILE A 105 -10.03 4.50 -30.17
C ILE A 105 -11.39 5.17 -30.30
N SER A 106 -12.44 4.39 -30.10
CA SER A 106 -13.80 4.89 -30.19
C SER A 106 -13.97 6.12 -29.30
N ALA A 107 -13.72 5.91 -28.01
CA ALA A 107 -13.84 6.97 -27.02
C ALA A 107 -13.31 8.30 -27.52
N LEU A 108 -12.34 8.24 -28.41
CA LEU A 108 -11.74 9.45 -28.94
C LEU A 108 -12.54 9.97 -30.12
N THR A 109 -13.16 9.05 -30.86
CA THR A 109 -13.94 9.42 -32.02
C THR A 109 -15.18 10.19 -31.60
N PHE A 110 -16.11 9.50 -30.96
CA PHE A 110 -17.36 10.10 -30.50
C PHE A 110 -17.32 10.53 -29.04
N GLY A 111 -16.48 11.50 -28.72
CA GLY A 111 -16.39 11.98 -27.36
C GLY A 111 -16.26 10.85 -26.34
N ARG A 112 -16.19 11.21 -25.07
CA ARG A 112 -16.07 10.22 -24.00
C ARG A 112 -17.43 9.80 -23.49
N GLU A 113 -18.08 10.69 -22.75
CA GLU A 113 -19.41 10.42 -22.19
C GLU A 113 -20.31 9.77 -23.22
N THR A 114 -20.19 10.23 -24.47
CA THR A 114 -21.00 9.70 -25.55
C THR A 114 -20.72 8.21 -25.76
N VAL A 115 -19.66 7.72 -25.12
CA VAL A 115 -19.29 6.32 -25.23
C VAL A 115 -19.99 5.50 -24.16
N LEU A 116 -19.82 5.90 -22.90
CA LEU A 116 -20.45 5.21 -21.80
C LEU A 116 -21.92 5.05 -22.11
N GLU A 117 -22.53 6.13 -22.58
CA GLU A 117 -23.93 6.14 -22.94
C GLU A 117 -24.21 5.12 -24.04
N TYR A 118 -23.20 4.31 -24.37
CA TYR A 118 -23.31 3.28 -25.39
C TYR A 118 -23.18 1.91 -24.75
N LEU A 119 -22.00 1.63 -24.23
CA LEU A 119 -21.74 0.36 -23.56
C LEU A 119 -22.79 0.10 -22.50
N VAL A 120 -23.48 1.15 -22.09
CA VAL A 120 -24.51 1.02 -21.07
C VAL A 120 -25.78 0.47 -21.68
N SER A 121 -25.98 0.75 -22.96
CA SER A 121 -27.17 0.27 -23.67
C SER A 121 -27.12 -1.25 -23.66
N PHE A 122 -25.96 -1.79 -23.99
CA PHE A 122 -25.76 -3.23 -24.03
C PHE A 122 -25.91 -3.79 -22.63
N GLY A 123 -25.61 -2.97 -21.63
CA GLY A 123 -25.75 -3.40 -20.25
C GLY A 123 -27.20 -3.77 -20.03
N VAL A 124 -27.98 -3.68 -21.10
CA VAL A 124 -29.40 -3.99 -21.09
C VAL A 124 -29.77 -4.71 -22.39
N TRP A 125 -29.10 -4.35 -23.47
CA TRP A 125 -29.39 -4.98 -24.75
C TRP A 125 -29.22 -6.48 -24.60
N ILE A 126 -27.97 -6.90 -24.44
CA ILE A 126 -27.67 -8.32 -24.27
C ILE A 126 -28.45 -8.91 -23.10
N ARG A 127 -28.56 -8.15 -22.03
CA ARG A 127 -29.26 -8.60 -20.83
C ARG A 127 -30.67 -9.11 -21.14
N THR A 128 -31.39 -8.40 -22.00
CA THR A 128 -32.76 -8.78 -22.37
C THR A 128 -32.84 -10.07 -23.18
N PRO A 129 -33.99 -10.75 -23.13
CA PRO A 129 -34.26 -12.01 -23.82
C PRO A 129 -34.16 -11.90 -25.34
N PRO A 130 -33.61 -12.94 -25.99
CA PRO A 130 -33.43 -13.01 -27.44
C PRO A 130 -34.73 -12.90 -28.24
N ALA A 131 -35.82 -13.43 -27.69
CA ALA A 131 -37.11 -13.40 -28.35
C ALA A 131 -37.63 -11.99 -28.59
N TYR A 132 -37.23 -11.07 -27.71
CA TYR A 132 -37.64 -9.68 -27.80
C TYR A 132 -36.53 -8.83 -28.41
N ARG A 133 -35.34 -8.97 -27.85
CA ARG A 133 -34.16 -8.24 -28.29
C ARG A 133 -34.11 -8.11 -29.81
N PRO A 134 -34.00 -6.87 -30.31
CA PRO A 134 -33.96 -6.62 -31.75
C PRO A 134 -32.78 -7.30 -32.42
N PRO A 135 -32.85 -7.48 -33.75
CA PRO A 135 -31.80 -8.12 -34.53
C PRO A 135 -30.57 -7.23 -34.67
N ASN A 136 -30.80 -5.94 -34.93
CA ASN A 136 -29.72 -4.98 -35.08
C ASN A 136 -29.30 -4.42 -33.73
N ALA A 137 -28.00 -4.47 -33.46
CA ALA A 137 -27.46 -3.96 -32.21
C ALA A 137 -27.14 -2.48 -32.37
N PRO A 138 -27.59 -1.64 -31.43
CA PRO A 138 -27.32 -0.20 -31.53
C PRO A 138 -25.81 0.08 -31.58
N ILE A 139 -25.43 0.98 -32.47
CA ILE A 139 -24.02 1.35 -32.63
C ILE A 139 -23.87 2.86 -32.72
N LEU A 140 -22.64 3.31 -32.87
CA LEU A 140 -22.33 4.74 -32.97
C LEU A 140 -22.65 5.25 -34.38
N SER A 141 -23.57 6.21 -34.47
CA SER A 141 -23.96 6.76 -35.76
C SER A 141 -23.61 8.25 -35.85
N THR A 142 -24.54 9.09 -35.40
CA THR A 142 -24.33 10.54 -35.42
C THR A 142 -24.29 11.13 -34.00
N MET B 1 4.11 0.52 -37.00
CA MET B 1 4.07 1.95 -36.58
C MET B 1 5.19 2.25 -35.59
N ASP B 2 5.83 3.40 -35.76
CA ASP B 2 6.92 3.80 -34.88
C ASP B 2 6.65 5.15 -34.22
N ILE B 3 6.49 5.13 -32.91
CA ILE B 3 6.24 6.32 -32.11
C ILE B 3 7.17 6.26 -30.91
N ASP B 4 7.49 7.41 -30.34
CA ASP B 4 8.38 7.46 -29.18
C ASP B 4 7.55 7.68 -27.92
N PRO B 5 7.47 6.65 -27.06
CA PRO B 5 6.71 6.71 -25.81
C PRO B 5 6.99 7.97 -24.99
N TYR B 6 8.20 8.51 -25.13
CA TYR B 6 8.61 9.68 -24.38
C TYR B 6 8.29 10.97 -25.13
N LYS B 7 8.47 10.94 -26.44
CA LYS B 7 8.23 12.08 -27.30
C LYS B 7 7.46 13.23 -26.66
N GLU B 8 6.15 13.07 -26.55
CA GLU B 8 5.29 14.09 -25.97
C GLU B 8 5.81 14.72 -24.70
N PHE B 9 6.28 13.90 -23.77
CA PHE B 9 6.81 14.40 -22.51
C PHE B 9 8.03 15.27 -22.72
N GLY B 10 8.50 15.34 -23.96
CA GLY B 10 9.66 16.13 -24.28
C GLY B 10 10.95 15.34 -24.30
N ALA B 11 10.83 14.01 -24.29
CA ALA B 11 12.00 13.14 -24.30
C ALA B 11 12.04 12.29 -25.56
N THR B 12 13.12 11.52 -25.70
CA THR B 12 13.28 10.66 -26.87
C THR B 12 14.35 9.57 -26.64
N VAL B 13 13.96 8.32 -26.88
CA VAL B 13 14.85 7.18 -26.70
C VAL B 13 16.21 7.42 -27.33
N GLU B 14 16.25 8.32 -28.31
CA GLU B 14 17.48 8.64 -29.01
C GLU B 14 18.62 8.85 -28.03
N LEU B 15 18.29 9.31 -26.82
CA LEU B 15 19.30 9.57 -25.80
C LEU B 15 19.35 8.50 -24.71
N LEU B 16 18.52 7.47 -24.85
CA LEU B 16 18.50 6.40 -23.86
C LEU B 16 19.36 5.24 -24.32
N SER B 17 19.91 5.37 -25.52
CA SER B 17 20.78 4.32 -26.08
C SER B 17 22.01 4.24 -25.19
N PHE B 18 22.40 5.41 -24.68
CA PHE B 18 23.55 5.53 -23.80
C PHE B 18 23.32 4.71 -22.55
N LEU B 19 22.46 5.24 -21.69
CA LEU B 19 22.11 4.61 -20.42
C LEU B 19 22.37 3.12 -20.43
N PRO B 20 23.35 2.68 -19.64
CA PRO B 20 23.72 1.26 -19.53
C PRO B 20 22.62 0.45 -18.89
N SER B 21 22.38 -0.73 -19.44
CA SER B 21 21.36 -1.63 -18.93
C SER B 21 21.48 -1.85 -17.41
N ASP B 22 22.63 -1.53 -16.86
CA ASP B 22 22.86 -1.70 -15.43
C ASP B 22 22.55 -0.42 -14.67
N PHE B 23 22.02 0.57 -15.38
CA PHE B 23 21.66 1.83 -14.76
C PHE B 23 20.43 1.64 -13.89
N PHE B 24 19.29 2.13 -14.37
CA PHE B 24 18.02 2.02 -13.65
C PHE B 24 17.91 0.74 -12.82
N PRO B 25 17.40 0.85 -11.60
CA PRO B 25 17.23 -0.27 -10.67
C PRO B 25 16.31 -1.36 -11.18
N SER B 26 16.56 -2.59 -10.75
CA SER B 26 15.75 -3.73 -11.15
C SER B 26 14.28 -3.42 -11.01
N VAL B 27 13.46 -4.16 -11.74
CA VAL B 27 12.02 -3.96 -11.71
C VAL B 27 11.46 -3.95 -10.29
N ARG B 28 11.58 -5.08 -9.59
CA ARG B 28 11.06 -5.19 -8.24
C ARG B 28 11.34 -3.95 -7.40
N ASP B 29 12.56 -3.44 -7.50
CA ASP B 29 12.96 -2.26 -6.75
C ASP B 29 12.06 -1.07 -7.07
N LEU B 30 11.39 -1.14 -8.23
CA LEU B 30 10.49 -0.07 -8.66
C LEU B 30 9.07 -0.42 -8.26
N LEU B 31 8.74 -1.71 -8.37
CA LEU B 31 7.41 -2.19 -8.01
C LEU B 31 7.13 -1.79 -6.59
N ASP B 32 8.15 -1.87 -5.75
CA ASP B 32 8.03 -1.51 -4.34
C ASP B 32 7.85 0.00 -4.24
N THR B 33 8.44 0.71 -5.19
CA THR B 33 8.36 2.17 -5.21
C THR B 33 6.95 2.61 -5.57
N ALA B 34 6.19 1.69 -6.16
CA ALA B 34 4.81 1.97 -6.53
C ALA B 34 4.00 2.22 -5.27
N ALA B 35 4.47 1.66 -4.16
CA ALA B 35 3.80 1.81 -2.87
C ALA B 35 4.11 3.18 -2.25
N ALA B 36 4.84 4.01 -2.99
CA ALA B 36 5.19 5.34 -2.52
C ALA B 36 3.93 6.18 -2.37
N LEU B 37 4.09 7.50 -2.35
CA LEU B 37 2.95 8.42 -2.22
C LEU B 37 2.16 8.31 -3.52
N TYR B 38 2.54 7.33 -4.34
CA TYR B 38 1.90 7.12 -5.62
C TYR B 38 0.94 5.94 -5.61
N ARG B 39 1.09 5.07 -4.62
CA ARG B 39 0.22 3.89 -4.50
C ARG B 39 -1.23 4.32 -4.67
N ASP B 40 -1.75 5.01 -3.68
CA ASP B 40 -3.14 5.48 -3.67
C ASP B 40 -3.44 6.40 -4.85
N ALA B 41 -2.52 7.30 -5.15
CA ALA B 41 -2.69 8.27 -6.23
C ALA B 41 -3.00 7.69 -7.61
N LEU B 42 -3.09 6.37 -7.72
CA LEU B 42 -3.40 5.75 -9.00
C LEU B 42 -4.70 4.98 -8.99
N GLU B 43 -4.95 4.28 -7.88
CA GLU B 43 -6.19 3.52 -7.76
C GLU B 43 -7.34 4.51 -7.59
N SER B 44 -7.08 5.76 -7.98
CA SER B 44 -8.08 6.83 -7.90
C SER B 44 -8.36 7.36 -9.29
N PRO B 45 -9.64 7.50 -9.65
CA PRO B 45 -10.09 7.99 -10.97
C PRO B 45 -9.70 9.42 -11.29
N GLU B 46 -8.41 9.70 -11.35
CA GLU B 46 -7.95 11.06 -11.65
C GLU B 46 -6.77 11.11 -12.62
N HIS B 47 -6.99 11.75 -13.75
CA HIS B 47 -5.96 11.89 -14.78
C HIS B 47 -4.75 12.56 -14.17
N ALA B 48 -5.00 13.65 -13.43
CA ALA B 48 -3.94 14.40 -12.78
C ALA B 48 -2.87 14.79 -13.79
N SER B 49 -1.73 14.12 -13.71
CA SER B 49 -0.63 14.38 -14.63
C SER B 49 -0.58 13.27 -15.66
N PRO B 50 -0.59 13.62 -16.95
CA PRO B 50 -0.54 12.61 -18.00
C PRO B 50 0.50 11.54 -17.76
N HIS B 51 1.47 11.84 -16.91
CA HIS B 51 2.52 10.88 -16.60
C HIS B 51 1.95 9.53 -16.22
N HIS B 52 1.61 9.37 -14.95
CA HIS B 52 1.05 8.11 -14.48
C HIS B 52 -0.01 7.57 -15.42
N THR B 53 -0.86 8.47 -15.91
CA THR B 53 -1.94 8.10 -16.81
C THR B 53 -1.45 7.04 -17.79
N ALA B 54 -0.23 7.22 -18.27
CA ALA B 54 0.38 6.29 -19.21
C ALA B 54 1.03 5.15 -18.44
N LEU B 55 1.76 5.52 -17.39
CA LEU B 55 2.42 4.54 -16.57
C LEU B 55 1.45 3.43 -16.21
N ARG B 56 0.29 3.83 -15.72
CA ARG B 56 -0.74 2.89 -15.34
C ARG B 56 -0.92 1.80 -16.39
N GLN B 57 -0.61 2.12 -17.63
CA GLN B 57 -0.70 1.15 -18.70
C GLN B 57 0.45 0.20 -18.52
N ALA B 58 1.65 0.73 -18.74
CA ALA B 58 2.89 -0.02 -18.61
C ALA B 58 2.81 -0.95 -17.41
N ILE B 59 2.30 -0.42 -16.30
CA ILE B 59 2.16 -1.21 -15.10
C ILE B 59 1.43 -2.49 -15.43
N LEU B 60 0.20 -2.38 -15.87
CA LEU B 60 -0.58 -3.55 -16.22
C LEU B 60 -0.01 -4.21 -17.45
N ALA B 61 0.47 -3.41 -18.40
CA ALA B 61 1.07 -3.94 -19.61
C ALA B 61 2.02 -5.03 -19.14
N TRP B 62 2.60 -4.79 -17.96
CA TRP B 62 3.52 -5.73 -17.34
C TRP B 62 2.74 -6.54 -16.33
N GLY B 63 1.80 -5.88 -15.66
CA GLY B 63 0.98 -6.57 -14.68
C GLY B 63 0.48 -7.85 -15.29
N ASP B 64 0.42 -7.86 -16.62
CA ASP B 64 -0.02 -9.02 -17.36
C ASP B 64 1.22 -9.85 -17.68
N LEU B 65 2.33 -9.18 -17.95
CA LEU B 65 3.58 -9.84 -18.26
C LEU B 65 4.10 -10.60 -17.05
N MET B 66 3.40 -10.46 -15.94
CA MET B 66 3.78 -11.13 -14.71
C MET B 66 2.69 -12.14 -14.36
N THR B 67 1.51 -11.95 -14.97
CA THR B 67 0.38 -12.85 -14.74
C THR B 67 0.33 -13.86 -15.88
N LEU B 68 1.24 -13.69 -16.84
CA LEU B 68 1.32 -14.57 -17.99
C LEU B 68 2.67 -15.25 -17.93
N ALA B 69 3.65 -14.56 -17.37
CA ALA B 69 4.99 -15.09 -17.23
C ALA B 69 4.91 -16.24 -16.23
N THR B 70 3.75 -16.35 -15.60
CA THR B 70 3.49 -17.41 -14.64
C THR B 70 2.64 -18.49 -15.29
N TRP B 71 1.87 -18.09 -16.31
CA TRP B 71 1.03 -19.03 -17.04
C TRP B 71 1.95 -19.96 -17.82
N VAL B 72 3.23 -19.62 -17.80
CA VAL B 72 4.24 -20.40 -18.50
C VAL B 72 4.80 -21.47 -17.57
N GLY B 73 5.08 -21.08 -16.33
CA GLY B 73 5.60 -22.03 -15.36
C GLY B 73 4.67 -23.17 -15.00
N THR B 74 3.39 -23.04 -15.37
CA THR B 74 2.39 -24.06 -15.06
C THR B 74 2.05 -24.89 -16.30
N ASN B 75 1.23 -24.33 -17.18
CA ASN B 75 0.84 -25.02 -18.40
C ASN B 75 1.97 -24.99 -19.42
N LEU B 76 2.93 -25.90 -19.24
CA LEU B 76 4.08 -26.01 -20.11
C LEU B 76 4.77 -27.37 -19.91
N GLU B 77 4.78 -28.17 -20.98
CA GLU B 77 5.37 -29.51 -20.93
C GLU B 77 6.75 -29.56 -21.63
N ASP B 78 7.61 -28.61 -21.32
CA ASP B 78 8.96 -28.55 -21.89
C ASP B 78 9.94 -27.89 -20.92
N PRO B 79 10.27 -28.59 -19.81
CA PRO B 79 11.19 -28.11 -18.79
C PRO B 79 12.62 -27.85 -19.28
N ALA B 80 12.74 -27.24 -20.45
CA ALA B 80 14.06 -26.94 -21.02
C ALA B 80 14.00 -25.62 -21.79
N SER B 81 12.78 -25.13 -22.02
CA SER B 81 12.58 -23.88 -22.75
C SER B 81 12.09 -22.75 -21.85
N ARG B 82 11.27 -23.09 -20.86
CA ARG B 82 10.75 -22.09 -19.94
C ARG B 82 11.85 -21.53 -19.06
N ASP B 83 13.07 -22.03 -19.27
CA ASP B 83 14.23 -21.57 -18.52
C ASP B 83 14.93 -20.46 -19.30
N LEU B 84 14.65 -20.41 -20.61
CA LEU B 84 15.24 -19.41 -21.49
C LEU B 84 14.22 -18.34 -21.89
N VAL B 85 13.12 -18.30 -21.17
CA VAL B 85 12.06 -17.33 -21.43
C VAL B 85 12.18 -16.18 -20.44
N VAL B 86 12.03 -16.49 -19.17
CA VAL B 86 12.13 -15.50 -18.10
C VAL B 86 13.55 -14.93 -18.10
N SER B 87 14.44 -15.60 -18.82
CA SER B 87 15.83 -15.16 -18.92
C SER B 87 15.96 -14.20 -20.10
N TYR B 88 14.86 -13.52 -20.40
CA TYR B 88 14.81 -12.55 -21.48
C TYR B 88 14.00 -11.35 -21.03
N VAL B 89 12.86 -11.63 -20.41
CA VAL B 89 11.99 -10.59 -19.92
C VAL B 89 12.62 -9.85 -18.74
N ASN B 90 13.00 -10.60 -17.72
CA ASN B 90 13.62 -10.03 -16.52
C ASN B 90 15.04 -9.56 -16.83
N THR B 91 15.43 -9.65 -18.09
CA THR B 91 16.76 -9.25 -18.51
C THR B 91 16.79 -8.30 -19.71
N ASN B 92 16.54 -8.83 -20.90
CA ASN B 92 16.55 -8.03 -22.12
C ASN B 92 15.26 -7.25 -22.36
N VAL B 93 14.23 -7.56 -21.63
CA VAL B 93 12.97 -6.85 -21.79
C VAL B 93 12.72 -5.91 -20.61
N GLY B 94 13.25 -6.30 -19.43
CA GLY B 94 13.11 -5.42 -18.30
C GLY B 94 13.77 -4.13 -18.72
N LEU B 95 14.88 -4.27 -19.46
CA LEU B 95 15.62 -3.12 -19.95
C LEU B 95 14.67 -2.14 -20.62
N LYS B 96 14.18 -2.50 -21.80
CA LYS B 96 13.25 -1.66 -22.52
C LYS B 96 11.93 -1.66 -21.76
N PHE B 97 12.03 -1.42 -20.45
CA PHE B 97 10.87 -1.38 -19.58
C PHE B 97 11.23 -0.63 -18.31
N ARG B 98 12.25 -1.12 -17.61
CA ARG B 98 12.72 -0.49 -16.38
C ARG B 98 12.84 1.01 -16.63
N GLN B 99 13.27 1.37 -17.82
CA GLN B 99 13.41 2.78 -18.17
C GLN B 99 12.01 3.33 -18.34
N LEU B 100 11.22 2.67 -19.17
CA LEU B 100 9.85 3.09 -19.44
C LEU B 100 9.17 3.40 -18.12
N LEU B 101 9.49 2.60 -17.11
CA LEU B 101 8.93 2.77 -15.78
C LEU B 101 9.68 3.87 -15.07
N TRP B 102 10.78 3.48 -14.43
CA TRP B 102 11.62 4.41 -13.70
C TRP B 102 11.37 5.83 -14.16
N PHE B 103 11.55 6.05 -15.45
CA PHE B 103 11.34 7.36 -16.04
C PHE B 103 10.27 8.16 -15.32
N HIS B 104 9.02 7.94 -15.68
CA HIS B 104 7.91 8.66 -15.06
C HIS B 104 8.19 8.93 -13.59
N ILE B 105 8.37 7.86 -12.84
CA ILE B 105 8.65 7.96 -11.41
C ILE B 105 9.53 9.16 -11.14
N SER B 106 10.78 9.06 -11.57
CA SER B 106 11.75 10.12 -11.38
C SER B 106 11.40 11.28 -12.29
N ALA B 107 10.28 11.93 -12.00
CA ALA B 107 9.82 13.07 -12.78
C ALA B 107 8.71 13.70 -11.97
N LEU B 108 7.88 12.84 -11.39
CA LEU B 108 6.77 13.27 -10.57
C LEU B 108 7.34 13.60 -9.21
N THR B 109 8.29 12.77 -8.79
CA THR B 109 8.95 12.90 -7.51
C THR B 109 9.36 14.33 -7.17
N PHE B 110 10.13 14.94 -8.04
CA PHE B 110 10.62 16.30 -7.83
C PHE B 110 10.13 17.25 -8.92
N GLY B 111 10.36 16.86 -10.17
CA GLY B 111 9.92 17.68 -11.29
C GLY B 111 10.36 17.09 -12.61
N ARG B 112 9.65 17.46 -13.67
CA ARG B 112 9.96 16.96 -15.01
C ARG B 112 11.25 17.58 -15.49
N GLU B 113 11.20 18.88 -15.80
CA GLU B 113 12.36 19.60 -16.28
C GLU B 113 13.60 19.26 -15.46
N THR B 114 13.41 19.17 -14.14
CA THR B 114 14.50 18.86 -13.23
C THR B 114 15.18 17.54 -13.61
N VAL B 115 14.57 16.80 -14.52
CA VAL B 115 15.13 15.53 -14.98
C VAL B 115 15.95 15.70 -16.23
N LEU B 116 15.34 16.30 -17.25
CA LEU B 116 16.02 16.54 -18.51
C LEU B 116 17.30 17.29 -18.19
N GLU B 117 17.21 18.19 -17.23
CA GLU B 117 18.34 18.99 -16.78
C GLU B 117 19.48 18.06 -16.36
N TYR B 118 19.22 16.75 -16.37
CA TYR B 118 20.21 15.76 -15.99
C TYR B 118 20.63 14.92 -17.19
N LEU B 119 19.63 14.32 -17.83
CA LEU B 119 19.86 13.48 -19.00
C LEU B 119 20.92 14.11 -19.86
N VAL B 120 20.89 15.45 -19.91
CA VAL B 120 21.85 16.22 -20.69
C VAL B 120 23.21 16.16 -20.04
N SER B 121 23.27 16.53 -18.76
CA SER B 121 24.51 16.54 -18.01
C SER B 121 25.09 15.13 -17.94
N PHE B 122 24.27 14.14 -18.24
CA PHE B 122 24.71 12.74 -18.24
C PHE B 122 25.10 12.41 -19.66
N GLY B 123 24.28 12.86 -20.60
CA GLY B 123 24.54 12.62 -22.00
C GLY B 123 25.78 13.37 -22.44
N VAL B 124 26.77 13.38 -21.56
CA VAL B 124 28.05 14.04 -21.80
C VAL B 124 29.07 13.33 -20.94
N TRP B 125 28.62 12.84 -19.80
CA TRP B 125 29.47 12.14 -18.87
C TRP B 125 29.72 10.78 -19.47
N ILE B 126 28.69 10.24 -20.12
CA ILE B 126 28.77 8.94 -20.75
C ILE B 126 29.74 8.93 -21.93
N ARG B 127 29.39 9.65 -23.00
CA ARG B 127 30.23 9.69 -24.18
C ARG B 127 31.69 9.92 -23.82
N THR B 128 31.97 11.09 -23.24
CA THR B 128 33.32 11.45 -22.84
C THR B 128 34.03 10.22 -22.25
N PRO B 129 35.04 9.69 -22.97
CA PRO B 129 35.81 8.52 -22.55
C PRO B 129 36.10 8.42 -21.05
N PRO B 130 36.32 7.18 -20.58
CA PRO B 130 36.62 6.85 -19.18
C PRO B 130 37.77 7.62 -18.53
N ALA B 131 38.97 7.40 -19.03
CA ALA B 131 40.16 8.08 -18.49
C ALA B 131 39.84 9.55 -18.26
N TYR B 132 39.04 10.11 -19.15
CA TYR B 132 38.64 11.51 -19.07
C TYR B 132 37.23 11.58 -18.48
N ARG B 133 37.07 11.10 -17.25
CA ARG B 133 35.76 11.12 -16.61
C ARG B 133 35.87 11.21 -15.09
N PRO B 134 35.32 12.27 -14.49
CA PRO B 134 35.32 12.51 -13.05
C PRO B 134 34.79 11.30 -12.27
N PRO B 135 34.70 11.42 -10.93
CA PRO B 135 34.20 10.32 -10.11
C PRO B 135 32.78 9.88 -10.46
N ASN B 136 31.79 10.63 -9.98
CA ASN B 136 30.39 10.31 -10.22
C ASN B 136 29.63 11.35 -11.04
N ALA B 137 28.30 11.22 -11.04
CA ALA B 137 27.42 12.13 -11.78
C ALA B 137 26.99 13.34 -10.95
N PRO B 138 26.47 14.38 -11.64
CA PRO B 138 26.00 15.66 -11.08
C PRO B 138 24.98 15.59 -9.92
N ILE B 139 24.25 16.69 -9.71
CA ILE B 139 23.25 16.78 -8.64
C ILE B 139 22.00 17.61 -9.01
N LEU B 140 22.06 18.91 -8.72
CA LEU B 140 20.96 19.83 -9.01
C LEU B 140 21.23 20.62 -10.30
N MET C 1 -12.48 -3.14 10.33
CA MET C 1 -11.82 -2.75 11.61
C MET C 1 -10.37 -2.32 11.35
N ASP C 2 -9.85 -2.66 10.18
CA ASP C 2 -8.47 -2.33 9.83
C ASP C 2 -8.23 -0.86 9.50
N ILE C 3 -7.22 -0.31 10.15
CA ILE C 3 -6.82 1.08 9.98
C ILE C 3 -5.30 1.17 9.84
N ASP C 4 -4.76 2.36 10.05
CA ASP C 4 -3.32 2.56 9.95
C ASP C 4 -2.92 3.58 11.03
N PRO C 5 -2.11 3.15 12.01
CA PRO C 5 -1.64 3.99 13.11
C PRO C 5 -0.76 5.16 12.67
N TYR C 6 -0.38 5.16 11.41
CA TYR C 6 0.47 6.22 10.86
C TYR C 6 -0.36 7.19 10.05
N LYS C 7 -1.45 6.70 9.48
CA LYS C 7 -2.34 7.51 8.65
C LYS C 7 -3.09 8.53 9.49
N GLU C 8 -2.64 8.74 10.73
CA GLU C 8 -3.28 9.71 11.61
C GLU C 8 -3.07 11.13 11.09
N PHE C 9 -2.56 11.23 9.87
CA PHE C 9 -2.29 12.52 9.23
C PHE C 9 -1.86 12.35 7.78
N GLY C 10 -1.20 11.23 7.50
CA GLY C 10 -0.72 10.95 6.16
C GLY C 10 0.56 10.13 6.19
N ALA C 11 0.43 8.84 6.50
CA ALA C 11 1.57 7.95 6.57
C ALA C 11 1.12 6.50 6.46
N THR C 12 1.76 5.74 5.58
CA THR C 12 1.42 4.35 5.37
C THR C 12 2.47 3.41 5.93
N VAL C 13 2.09 2.15 6.07
CA VAL C 13 3.00 1.14 6.59
C VAL C 13 3.93 0.66 5.49
N GLU C 14 3.38 0.51 4.28
CA GLU C 14 4.15 0.05 3.14
C GLU C 14 5.54 0.66 3.11
N LEU C 15 5.59 1.98 3.09
CA LEU C 15 6.86 2.69 3.05
C LEU C 15 7.83 2.26 4.13
N LEU C 16 7.33 1.53 5.13
CA LEU C 16 8.18 1.05 6.20
C LEU C 16 8.79 -0.30 5.83
N SER C 17 7.95 -1.32 5.69
CA SER C 17 8.43 -2.65 5.34
C SER C 17 9.15 -2.59 3.99
N PHE C 18 8.90 -1.51 3.27
CA PHE C 18 9.53 -1.26 1.98
C PHE C 18 11.01 -1.05 2.26
N LEU C 19 11.29 -0.28 3.30
CA LEU C 19 12.65 0.03 3.71
C LEU C 19 13.32 -1.18 4.34
N PRO C 20 14.66 -1.23 4.31
CA PRO C 20 15.41 -2.34 4.88
C PRO C 20 15.09 -2.53 6.35
N SER C 21 14.30 -3.56 6.64
CA SER C 21 13.91 -3.86 8.00
C SER C 21 15.14 -3.99 8.90
N ASP C 22 16.30 -4.19 8.28
CA ASP C 22 17.55 -4.34 9.02
C ASP C 22 17.99 -2.98 9.55
N PHE C 23 17.44 -1.94 8.93
CA PHE C 23 17.75 -0.56 9.28
C PHE C 23 17.30 -0.11 10.66
N PHE C 24 16.00 -0.20 10.94
CA PHE C 24 15.46 0.23 12.22
C PHE C 24 16.19 -0.37 13.41
N PRO C 25 16.87 0.47 14.20
CA PRO C 25 17.63 0.06 15.37
C PRO C 25 16.82 -0.80 16.34
N SER C 26 17.51 -1.70 17.04
CA SER C 26 16.85 -2.59 17.98
C SER C 26 15.91 -1.84 18.91
N VAL C 27 15.16 -2.59 19.71
CA VAL C 27 14.20 -2.01 20.63
C VAL C 27 14.90 -1.39 21.84
N ARG C 28 15.73 -2.19 22.50
CA ARG C 28 16.47 -1.70 23.66
C ARG C 28 17.09 -0.37 23.30
N ASP C 29 17.74 -0.31 22.14
CA ASP C 29 18.40 0.89 21.67
C ASP C 29 17.41 2.03 21.46
N LEU C 30 16.13 1.77 21.67
CA LEU C 30 15.10 2.79 21.50
C LEU C 30 14.48 3.16 22.83
N LEU C 31 14.31 2.17 23.69
CA LEU C 31 13.75 2.40 25.01
C LEU C 31 14.72 3.28 25.77
N ASP C 32 15.97 2.82 25.82
CA ASP C 32 17.03 3.56 26.50
C ASP C 32 17.11 4.96 25.91
N THR C 33 16.51 5.14 24.74
CA THR C 33 16.50 6.42 24.06
C THR C 33 15.27 7.20 24.48
N ALA C 34 14.22 6.47 24.85
CA ALA C 34 12.99 7.10 25.30
C ALA C 34 13.28 7.81 26.61
N ALA C 35 13.92 7.09 27.52
CA ALA C 35 14.27 7.62 28.83
C ALA C 35 15.11 8.87 28.71
N ALA C 36 15.29 9.35 27.48
CA ALA C 36 16.07 10.55 27.24
C ALA C 36 15.31 11.78 27.71
N LEU C 37 15.50 12.89 27.01
CA LEU C 37 14.85 14.15 27.34
C LEU C 37 13.35 14.06 27.10
N TYR C 38 12.92 12.94 26.51
CA TYR C 38 11.52 12.75 26.21
C TYR C 38 10.77 11.97 27.28
N ARG C 39 11.50 11.27 28.13
CA ARG C 39 10.85 10.49 29.19
C ARG C 39 10.10 11.41 30.13
N ASP C 40 10.85 12.25 30.85
CA ASP C 40 10.27 13.18 31.80
C ASP C 40 9.22 14.11 31.20
N ALA C 41 8.89 13.89 29.93
CA ALA C 41 7.90 14.71 29.24
C ALA C 41 6.58 13.98 29.01
N LEU C 42 6.60 12.66 29.14
CA LEU C 42 5.39 11.87 28.94
C LEU C 42 4.70 11.74 30.28
N GLU C 43 5.40 12.13 31.33
CA GLU C 43 4.89 12.07 32.69
C GLU C 43 3.88 13.20 32.87
N SER C 44 4.17 14.34 32.25
CA SER C 44 3.29 15.50 32.35
C SER C 44 1.87 15.09 31.98
N PRO C 45 0.88 15.65 32.68
CA PRO C 45 -0.53 15.33 32.43
C PRO C 45 -1.04 15.84 31.09
N GLU C 46 -0.15 16.39 30.28
CA GLU C 46 -0.57 16.91 28.98
C GLU C 46 0.46 16.62 27.89
N HIS C 47 0.16 17.11 26.69
CA HIS C 47 1.03 16.92 25.54
C HIS C 47 0.74 18.02 24.53
N ALA C 48 1.61 18.15 23.54
CA ALA C 48 1.43 19.15 22.50
C ALA C 48 0.86 18.45 21.28
N SER C 49 1.46 17.31 20.95
CA SER C 49 1.05 16.51 19.80
C SER C 49 0.63 15.13 20.28
N PRO C 50 -0.04 14.37 19.40
CA PRO C 50 -0.49 13.03 19.76
C PRO C 50 0.68 12.04 19.86
N HIS C 51 1.75 12.33 19.13
CA HIS C 51 2.93 11.46 19.14
C HIS C 51 3.09 10.95 20.56
N HIS C 52 3.11 11.90 21.49
CA HIS C 52 3.24 11.57 22.90
C HIS C 52 2.24 10.48 23.19
N THR C 53 0.96 10.83 23.08
CA THR C 53 -0.12 9.90 23.34
C THR C 53 0.13 8.55 22.69
N ALA C 54 0.01 8.50 21.36
CA ALA C 54 0.22 7.26 20.62
C ALA C 54 1.36 6.47 21.22
N LEU C 55 2.39 7.18 21.67
CA LEU C 55 3.56 6.55 22.24
C LEU C 55 3.24 5.77 23.50
N ARG C 56 2.58 6.42 24.45
CA ARG C 56 2.23 5.75 25.68
C ARG C 56 1.79 4.31 25.43
N GLN C 57 0.69 4.13 24.71
CA GLN C 57 0.21 2.79 24.40
C GLN C 57 1.34 2.02 23.75
N ALA C 58 1.90 2.61 22.69
CA ALA C 58 2.99 1.99 21.97
C ALA C 58 3.99 1.39 22.95
N ILE C 59 4.09 2.02 24.11
CA ILE C 59 5.00 1.54 25.15
C ILE C 59 4.22 0.65 26.10
N LEU C 60 3.21 1.23 26.74
CA LEU C 60 2.38 0.49 27.66
C LEU C 60 2.08 -0.86 27.02
N ALA C 61 1.40 -0.82 25.87
CA ALA C 61 1.04 -2.02 25.13
C ALA C 61 2.23 -2.95 25.06
N TRP C 62 3.41 -2.39 24.82
CA TRP C 62 4.62 -3.19 24.75
C TRP C 62 5.04 -3.64 26.14
N GLY C 63 5.05 -2.70 27.07
CA GLY C 63 5.44 -3.00 28.44
C GLY C 63 4.58 -4.11 29.01
N ASP C 64 3.49 -4.43 28.33
CA ASP C 64 2.59 -5.49 28.76
C ASP C 64 2.89 -6.74 27.96
N LEU C 65 3.70 -6.58 26.93
CA LEU C 65 4.09 -7.69 26.07
C LEU C 65 5.15 -8.50 26.77
N MET C 66 6.24 -7.82 27.15
CA MET C 66 7.35 -8.47 27.81
C MET C 66 6.96 -8.86 29.23
N THR C 67 6.25 -7.98 29.91
CA THR C 67 5.81 -8.25 31.27
C THR C 67 4.84 -9.43 31.23
N LEU C 68 4.71 -10.03 30.06
CA LEU C 68 3.82 -11.17 29.87
C LEU C 68 4.45 -12.24 28.98
N ALA C 69 5.23 -11.82 28.00
CA ALA C 69 5.88 -12.75 27.09
C ALA C 69 7.04 -13.44 27.79
N THR C 70 7.28 -13.07 29.04
CA THR C 70 8.36 -13.67 29.83
C THR C 70 7.88 -14.97 30.47
N TRP C 71 6.59 -15.23 30.36
CA TRP C 71 5.99 -16.46 30.91
C TRP C 71 5.91 -17.53 29.84
N VAL C 72 7.07 -18.00 29.39
CA VAL C 72 7.15 -19.03 28.36
C VAL C 72 8.01 -20.19 28.85
N GLY C 73 8.94 -19.90 29.76
CA GLY C 73 9.81 -20.94 30.28
C GLY C 73 9.99 -20.85 31.78
N THR C 74 8.94 -20.41 32.48
CA THR C 74 8.96 -20.27 33.93
C THR C 74 8.49 -21.54 34.64
N ASN C 75 7.17 -21.70 34.75
CA ASN C 75 6.58 -22.88 35.39
C ASN C 75 5.94 -23.70 34.27
N LEU C 76 6.45 -23.51 33.06
CA LEU C 76 5.95 -24.22 31.87
C LEU C 76 6.98 -25.24 31.38
N GLU C 77 6.52 -26.17 30.54
CA GLU C 77 7.38 -27.21 29.99
C GLU C 77 7.32 -27.28 28.47
N ASP C 78 8.49 -27.37 27.84
CA ASP C 78 8.61 -27.44 26.38
C ASP C 78 10.07 -27.30 25.97
N PRO C 79 10.51 -28.07 24.94
CA PRO C 79 11.90 -28.02 24.46
C PRO C 79 12.30 -26.68 23.84
N ALA C 80 11.34 -26.00 23.22
CA ALA C 80 11.58 -24.71 22.60
C ALA C 80 10.62 -23.67 23.16
N SER C 81 10.89 -23.21 24.39
CA SER C 81 10.05 -22.21 25.05
C SER C 81 10.43 -20.78 24.68
N ARG C 82 11.44 -20.65 23.82
CA ARG C 82 11.92 -19.34 23.37
C ARG C 82 12.35 -19.42 21.90
N ASP C 83 11.48 -19.97 21.06
CA ASP C 83 11.76 -20.11 19.63
C ASP C 83 10.95 -19.09 18.82
N LEU C 84 9.88 -18.57 19.41
CA LEU C 84 9.02 -17.59 18.77
C LEU C 84 8.94 -16.32 19.60
N VAL C 85 9.33 -16.42 20.88
CA VAL C 85 9.30 -15.28 21.78
C VAL C 85 10.17 -14.16 21.21
N VAL C 86 11.47 -14.39 21.19
CA VAL C 86 12.43 -13.41 20.68
C VAL C 86 12.42 -13.36 19.15
N SER C 87 11.77 -14.33 18.52
CA SER C 87 11.69 -14.40 17.07
C SER C 87 10.52 -13.60 16.54
N TYR C 88 9.30 -14.11 16.75
CA TYR C 88 8.09 -13.44 16.29
C TYR C 88 8.12 -11.94 16.52
N VAL C 89 8.85 -11.53 17.55
CA VAL C 89 8.96 -10.11 17.88
C VAL C 89 9.94 -9.39 16.94
N ASN C 90 11.15 -9.92 16.82
CA ASN C 90 12.15 -9.31 15.95
C ASN C 90 12.01 -9.80 14.52
N THR C 91 10.88 -10.45 14.23
CA THR C 91 10.62 -10.97 12.89
C THR C 91 9.33 -10.41 12.29
N ASN C 92 8.25 -10.46 13.06
CA ASN C 92 6.96 -9.96 12.59
C ASN C 92 6.54 -8.65 13.22
N VAL C 93 5.22 -8.77 13.77
CA VAL C 93 4.59 -7.64 14.45
C VAL C 93 5.56 -6.93 15.40
N GLY C 94 6.28 -7.65 16.15
CA GLY C 94 7.18 -7.15 17.17
C GLY C 94 8.14 -6.10 16.62
N LEU C 95 8.50 -6.25 15.36
CA LEU C 95 9.40 -5.33 14.70
C LEU C 95 8.65 -4.07 14.31
N LYS C 96 7.39 -4.22 13.95
CA LYS C 96 6.57 -3.08 13.56
C LYS C 96 6.80 -1.98 14.58
N PHE C 97 7.03 -2.37 15.82
CA PHE C 97 7.29 -1.42 16.87
C PHE C 97 8.59 -0.71 16.56
N ARG C 98 9.64 -1.47 16.31
CA ARG C 98 10.93 -0.89 15.99
C ARG C 98 10.74 0.20 14.94
N GLN C 99 9.66 0.07 14.18
CA GLN C 99 9.34 1.04 13.13
C GLN C 99 8.55 2.16 13.80
N LEU C 100 7.39 1.80 14.33
CA LEU C 100 6.52 2.75 15.00
C LEU C 100 7.34 3.60 15.95
N LEU C 101 7.79 3.00 17.03
CA LEU C 101 8.61 3.69 18.02
C LEU C 101 9.53 4.63 17.27
N TRP C 102 10.55 4.06 16.66
CA TRP C 102 11.53 4.81 15.89
C TRP C 102 10.89 6.06 15.31
N PHE C 103 9.74 5.85 14.69
CA PHE C 103 9.00 6.94 14.07
C PHE C 103 8.82 8.11 15.03
N HIS C 104 7.70 8.13 15.74
CA HIS C 104 7.37 9.20 16.67
C HIS C 104 8.61 9.90 17.21
N ILE C 105 9.51 9.12 17.80
CA ILE C 105 10.75 9.65 18.37
C ILE C 105 11.30 10.76 17.49
N SER C 106 11.97 10.35 16.43
CA SER C 106 12.57 11.27 15.48
C SER C 106 11.59 12.37 15.10
N ALA C 107 10.31 12.01 14.99
CA ALA C 107 9.28 12.98 14.63
C ALA C 107 9.31 14.18 15.56
N LEU C 108 9.93 14.01 16.72
CA LEU C 108 10.01 15.08 17.69
C LEU C 108 11.39 15.74 17.68
N THR C 109 12.28 15.22 16.86
CA THR C 109 13.62 15.78 16.76
C THR C 109 13.64 17.03 15.89
N PHE C 110 13.93 16.86 14.60
CA PHE C 110 13.98 17.99 13.67
C PHE C 110 12.55 18.40 13.29
N GLY C 111 11.58 17.58 13.69
CA GLY C 111 10.20 17.89 13.38
C GLY C 111 9.43 16.72 12.80
N ARG C 112 8.24 17.00 12.27
CA ARG C 112 7.40 15.98 11.67
C ARG C 112 7.53 15.97 10.16
N GLU C 113 6.96 16.98 9.52
CA GLU C 113 6.98 17.11 8.07
C GLU C 113 8.39 17.20 7.51
N THR C 114 9.39 17.21 8.40
CA THR C 114 10.79 17.28 7.99
C THR C 114 11.32 15.85 7.90
N VAL C 115 10.49 14.91 8.33
CA VAL C 115 10.85 13.50 8.32
C VAL C 115 10.37 12.87 7.02
N LEU C 116 9.09 13.09 6.73
CA LEU C 116 8.49 12.56 5.53
C LEU C 116 9.34 12.95 4.34
N GLU C 117 9.79 14.20 4.31
CA GLU C 117 10.62 14.69 3.22
C GLU C 117 11.92 13.91 3.20
N TYR C 118 12.05 12.94 4.09
CA TYR C 118 13.25 12.11 4.16
C TYR C 118 12.97 10.71 3.64
N LEU C 119 11.97 10.06 4.22
CA LEU C 119 11.59 8.71 3.82
C LEU C 119 11.74 8.58 2.32
N VAL C 120 11.14 9.52 1.60
CA VAL C 120 11.20 9.54 0.16
C VAL C 120 12.64 9.82 -0.28
N SER C 121 13.19 10.93 0.17
CA SER C 121 14.55 11.32 -0.17
C SER C 121 15.56 10.25 0.20
N PHE C 122 15.08 9.08 0.60
CA PHE C 122 15.96 7.99 0.95
C PHE C 122 15.45 6.67 0.40
N GLY C 123 14.17 6.41 0.58
CA GLY C 123 13.58 5.18 0.07
C GLY C 123 14.00 4.96 -1.36
N VAL C 124 14.54 6.01 -1.96
CA VAL C 124 15.01 5.97 -3.33
C VAL C 124 16.52 5.85 -3.40
N TRP C 125 17.21 6.73 -2.68
CA TRP C 125 18.66 6.73 -2.67
C TRP C 125 19.20 5.34 -2.34
N ILE C 126 18.34 4.49 -1.81
CA ILE C 126 18.75 3.14 -1.47
C ILE C 126 18.58 2.21 -2.66
N ARG C 127 17.46 2.33 -3.36
CA ARG C 127 17.19 1.48 -4.52
C ARG C 127 17.90 1.96 -5.78
N THR C 128 18.41 3.19 -5.76
CA THR C 128 19.12 3.74 -6.92
C THR C 128 20.41 2.98 -7.18
N PRO C 129 20.91 3.01 -8.43
CA PRO C 129 22.15 2.32 -8.77
C PRO C 129 23.27 2.75 -7.83
N PRO C 130 23.68 1.86 -6.92
CA PRO C 130 24.75 2.14 -5.95
C PRO C 130 26.04 2.65 -6.57
N ALA C 131 26.16 2.54 -7.88
CA ALA C 131 27.37 2.99 -8.56
C ALA C 131 27.28 4.41 -9.10
N TYR C 132 26.09 4.78 -9.58
CA TYR C 132 25.89 6.11 -10.15
C TYR C 132 25.28 7.10 -9.16
N ARG C 133 24.56 6.59 -8.18
CA ARG C 133 23.92 7.44 -7.17
C ARG C 133 24.95 8.25 -6.41
N PRO C 134 24.54 9.41 -5.84
CA PRO C 134 25.47 10.23 -5.09
C PRO C 134 26.01 9.47 -3.89
N PRO C 135 27.12 9.95 -3.30
CA PRO C 135 27.71 9.27 -2.14
C PRO C 135 27.00 9.61 -0.82
N ASN C 136 26.49 10.83 -0.73
CA ASN C 136 25.82 11.28 0.49
C ASN C 136 24.30 11.33 0.39
N ALA C 137 23.63 10.78 1.41
CA ALA C 137 22.18 10.76 1.48
C ALA C 137 21.71 12.18 1.71
N PRO C 138 20.81 12.69 0.86
CA PRO C 138 20.27 14.05 0.95
C PRO C 138 19.83 14.51 2.36
N ILE C 139 20.66 15.34 2.99
CA ILE C 139 20.39 15.88 4.32
C ILE C 139 20.16 14.79 5.38
N MET D 1 5.04 0.40 32.65
CA MET D 1 6.49 0.76 32.67
C MET D 1 6.71 2.16 33.29
N ASP D 2 6.17 2.35 34.50
CA ASP D 2 6.28 3.60 35.26
C ASP D 2 5.35 4.71 34.81
N ILE D 3 4.77 4.57 33.62
CA ILE D 3 3.86 5.59 33.07
C ILE D 3 2.40 5.20 33.28
N ASP D 4 1.51 6.13 32.95
CA ASP D 4 0.07 5.90 33.07
C ASP D 4 -0.63 6.57 31.89
N PRO D 5 -1.26 5.76 31.02
CA PRO D 5 -1.96 6.26 29.83
C PRO D 5 -3.19 7.09 30.16
N TYR D 6 -3.54 7.16 31.44
CA TYR D 6 -4.71 7.92 31.86
C TYR D 6 -4.27 9.25 32.44
N LYS D 7 -2.98 9.36 32.75
CA LYS D 7 -2.44 10.57 33.34
C LYS D 7 -2.63 11.80 32.45
N GLU D 8 -2.40 11.63 31.16
CA GLU D 8 -2.56 12.74 30.23
C GLU D 8 -3.99 13.24 30.17
N PHE D 9 -4.94 12.34 30.44
CA PHE D 9 -6.35 12.70 30.42
C PHE D 9 -6.82 13.01 31.83
N GLY D 10 -5.88 13.03 32.77
CA GLY D 10 -6.21 13.32 34.15
C GLY D 10 -6.84 12.16 34.87
N ALA D 11 -6.17 11.01 34.86
CA ALA D 11 -6.70 9.83 35.53
C ALA D 11 -5.59 8.85 35.91
N THR D 12 -5.88 8.04 36.93
CA THR D 12 -4.93 7.05 37.42
C THR D 12 -5.57 5.67 37.40
N VAL D 13 -4.74 4.65 37.22
CA VAL D 13 -5.22 3.28 37.19
C VAL D 13 -6.09 2.98 38.40
N GLU D 14 -5.64 3.39 39.58
CA GLU D 14 -6.39 3.16 40.82
C GLU D 14 -7.87 3.45 40.62
N LEU D 15 -8.14 4.56 39.95
CA LEU D 15 -9.51 4.99 39.69
C LEU D 15 -10.31 3.94 38.95
N LEU D 16 -9.74 2.76 38.76
CA LEU D 16 -10.43 1.69 38.06
C LEU D 16 -10.18 0.36 38.74
N SER D 17 -9.00 0.21 39.34
CA SER D 17 -8.65 -1.02 40.04
C SER D 17 -9.58 -1.25 41.21
N PHE D 18 -9.93 -0.17 41.91
CA PHE D 18 -10.84 -0.25 43.05
C PHE D 18 -12.22 -0.54 42.48
N LEU D 19 -12.45 -0.06 41.27
CA LEU D 19 -13.71 -0.23 40.57
C LEU D 19 -13.92 -1.70 40.24
N PRO D 20 -15.19 -2.15 40.24
CA PRO D 20 -15.54 -3.54 39.94
C PRO D 20 -14.86 -4.07 38.69
N SER D 21 -13.73 -4.73 38.89
CA SER D 21 -12.96 -5.30 37.80
C SER D 21 -13.91 -6.01 36.83
N ASP D 22 -14.87 -6.74 37.37
CA ASP D 22 -15.83 -7.48 36.57
C ASP D 22 -16.94 -6.62 35.97
N PHE D 23 -16.86 -5.31 36.17
CA PHE D 23 -17.85 -4.40 35.64
C PHE D 23 -17.75 -4.24 34.13
N PHE D 24 -16.69 -3.57 33.69
CA PHE D 24 -16.45 -3.34 32.28
C PHE D 24 -16.86 -4.53 31.43
N PRO D 25 -17.81 -4.33 30.50
CA PRO D 25 -18.29 -5.39 29.62
C PRO D 25 -17.17 -6.08 28.84
N SER D 26 -17.40 -7.33 28.47
CA SER D 26 -16.42 -8.12 27.73
C SER D 26 -15.76 -7.31 26.62
N VAL D 27 -14.47 -7.54 26.41
CA VAL D 27 -13.74 -6.83 25.38
C VAL D 27 -14.55 -6.87 24.10
N ARG D 28 -15.15 -8.02 23.84
CA ARG D 28 -15.96 -8.20 22.66
C ARG D 28 -16.99 -7.08 22.59
N ASP D 29 -17.98 -7.13 23.48
CA ASP D 29 -19.03 -6.13 23.53
C ASP D 29 -18.50 -4.73 23.25
N LEU D 30 -17.26 -4.47 23.65
CA LEU D 30 -16.64 -3.17 23.45
C LEU D 30 -16.21 -2.97 22.01
N LEU D 31 -15.35 -3.85 21.53
CA LEU D 31 -14.84 -3.76 20.17
C LEU D 31 -15.98 -3.62 19.15
N ASP D 32 -17.09 -4.29 19.42
CA ASP D 32 -18.25 -4.22 18.53
C ASP D 32 -18.77 -2.80 18.52
N THR D 33 -19.13 -2.30 19.70
CA THR D 33 -19.65 -0.96 19.85
C THR D 33 -18.72 0.04 19.20
N ALA D 34 -17.42 -0.13 19.42
CA ALA D 34 -16.42 0.76 18.84
C ALA D 34 -16.77 1.09 17.40
N ALA D 35 -17.12 0.06 16.64
CA ALA D 35 -17.48 0.24 15.24
C ALA D 35 -18.81 0.96 15.05
N ALA D 36 -19.27 1.65 16.09
CA ALA D 36 -20.53 2.38 16.02
C ALA D 36 -20.38 3.49 14.98
N LEU D 37 -20.51 4.73 15.43
CA LEU D 37 -20.39 5.87 14.54
C LEU D 37 -18.96 6.38 14.58
N TYR D 38 -18.12 5.63 15.28
CA TYR D 38 -16.72 5.99 15.43
C TYR D 38 -15.82 5.21 14.47
N ARG D 39 -16.23 4.00 14.12
CA ARG D 39 -15.46 3.18 13.20
C ARG D 39 -14.95 4.03 12.04
N ASP D 40 -15.86 4.37 11.14
CA ASP D 40 -15.56 5.16 9.96
C ASP D 40 -14.95 6.54 10.24
N ALA D 41 -14.88 6.91 11.51
CA ALA D 41 -14.33 8.20 11.89
C ALA D 41 -12.86 8.11 12.28
N LEU D 42 -12.41 6.90 12.61
CA LEU D 42 -11.02 6.69 12.99
C LEU D 42 -10.17 6.43 11.76
N GLU D 43 -10.70 5.62 10.86
CA GLU D 43 -9.98 5.29 9.63
C GLU D 43 -9.48 6.57 8.95
N SER D 44 -10.29 7.62 9.02
CA SER D 44 -9.95 8.90 8.40
C SER D 44 -8.60 9.42 8.92
N PRO D 45 -8.02 10.42 8.24
CA PRO D 45 -6.73 11.01 8.63
C PRO D 45 -6.82 12.15 9.64
N GLU D 46 -7.80 12.10 10.53
CA GLU D 46 -7.97 13.15 11.53
C GLU D 46 -7.95 12.60 12.95
N HIS D 47 -6.95 13.03 13.71
CA HIS D 47 -6.78 12.61 15.09
C HIS D 47 -7.59 13.49 16.02
N ALA D 48 -7.97 14.66 15.52
CA ALA D 48 -8.75 15.64 16.29
C ALA D 48 -8.48 15.47 17.78
N SER D 49 -9.37 14.75 18.47
CA SER D 49 -9.21 14.52 19.90
C SER D 49 -8.30 13.30 20.12
N PRO D 50 -7.16 13.53 20.79
CA PRO D 50 -6.17 12.49 21.09
C PRO D 50 -6.78 11.13 21.43
N HIS D 51 -7.97 11.15 22.02
CA HIS D 51 -8.66 9.91 22.37
C HIS D 51 -8.58 9.02 21.15
N HIS D 52 -8.90 9.62 20.00
CA HIS D 52 -8.87 8.91 18.74
C HIS D 52 -7.53 8.21 18.62
N THR D 53 -6.50 9.00 18.31
CA THR D 53 -5.15 8.50 18.15
C THR D 53 -4.82 7.44 19.17
N ALA D 54 -4.72 7.85 20.44
CA ALA D 54 -4.42 6.93 21.53
C ALA D 54 -5.19 5.64 21.35
N LEU D 55 -6.45 5.79 20.99
CA LEU D 55 -7.30 4.63 20.80
C LEU D 55 -6.75 3.73 19.72
N ARG D 56 -6.51 4.29 18.53
CA ARG D 56 -5.97 3.53 17.41
C ARG D 56 -4.94 2.53 17.91
N GLN D 57 -3.98 3.02 18.68
CA GLN D 57 -2.92 2.17 19.22
C GLN D 57 -3.56 1.00 19.93
N ALA D 58 -4.32 1.31 20.98
CA ALA D 58 -4.99 0.28 21.76
C ALA D 58 -5.48 -0.84 20.86
N ILE D 59 -6.27 -0.48 19.87
CA ILE D 59 -6.79 -1.47 18.93
C ILE D 59 -5.63 -2.27 18.37
N LEU D 60 -4.83 -1.62 17.52
CA LEU D 60 -3.67 -2.27 16.92
C LEU D 60 -2.95 -3.08 17.98
N ALA D 61 -2.49 -2.39 19.02
CA ALA D 61 -1.77 -3.02 20.11
C ALA D 61 -2.45 -4.33 20.45
N TRP D 62 -3.77 -4.36 20.33
CA TRP D 62 -4.53 -5.57 20.60
C TRP D 62 -4.68 -6.41 19.35
N GLY D 63 -4.90 -5.74 18.22
CA GLY D 63 -5.05 -6.44 16.96
C GLY D 63 -3.88 -7.37 16.68
N ASP D 64 -2.86 -7.31 17.54
CA ASP D 64 -1.68 -8.15 17.40
C ASP D 64 -1.63 -9.12 18.57
N LEU D 65 -2.54 -8.92 19.52
CA LEU D 65 -2.65 -9.77 20.69
C LEU D 65 -3.69 -10.83 20.37
N MET D 66 -4.56 -10.49 19.43
CA MET D 66 -5.59 -11.39 18.97
C MET D 66 -4.90 -12.25 17.91
N THR D 67 -3.93 -11.64 17.24
CA THR D 67 -3.16 -12.31 16.20
C THR D 67 -2.06 -13.11 16.91
N LEU D 68 -1.97 -12.93 18.22
CA LEU D 68 -0.97 -13.63 19.01
C LEU D 68 -1.56 -14.88 19.66
N ALA D 69 -2.78 -14.75 20.18
CA ALA D 69 -3.45 -15.87 20.83
C ALA D 69 -3.76 -16.95 19.81
N THR D 70 -3.29 -16.77 18.59
CA THR D 70 -3.51 -17.71 17.51
C THR D 70 -2.27 -18.58 17.28
N TRP D 71 -1.10 -18.06 17.66
CA TRP D 71 0.16 -18.79 17.51
C TRP D 71 0.48 -19.55 18.80
N VAL D 72 -0.53 -19.70 19.65
CA VAL D 72 -0.38 -20.42 20.91
C VAL D 72 -1.09 -21.76 20.79
N GLY D 73 -1.30 -22.21 19.55
CA GLY D 73 -1.97 -23.46 19.31
C GLY D 73 -1.77 -23.96 17.88
N THR D 74 -0.73 -23.43 17.21
CA THR D 74 -0.43 -23.84 15.85
C THR D 74 0.26 -25.19 15.85
N ASN D 75 1.57 -25.18 16.07
CA ASN D 75 2.37 -26.41 16.13
C ASN D 75 2.76 -26.66 17.59
N LEU D 76 1.89 -26.20 18.50
CA LEU D 76 2.13 -26.35 19.93
C LEU D 76 1.21 -27.41 20.54
N GLU D 77 1.82 -28.34 21.27
CA GLU D 77 1.08 -29.43 21.90
C GLU D 77 1.39 -29.49 23.40
N ASP D 78 1.07 -28.40 24.10
CA ASP D 78 1.32 -28.28 25.54
C ASP D 78 0.13 -28.74 26.39
N PRO D 79 0.36 -28.97 27.70
CA PRO D 79 -0.68 -29.42 28.63
C PRO D 79 -1.62 -28.26 29.00
N ALA D 80 -1.29 -27.07 28.50
CA ALA D 80 -2.07 -25.88 28.74
C ALA D 80 -1.79 -24.84 27.65
N SER D 81 -2.16 -25.18 26.41
CA SER D 81 -1.96 -24.29 25.28
C SER D 81 -3.22 -23.48 24.97
N ARG D 82 -4.24 -23.66 25.80
CA ARG D 82 -5.51 -22.95 25.62
C ARG D 82 -6.25 -22.80 26.96
N ASP D 83 -5.56 -23.10 28.07
CA ASP D 83 -6.14 -23.00 29.40
C ASP D 83 -5.67 -21.76 30.16
N LEU D 84 -4.40 -21.40 29.98
CA LEU D 84 -3.83 -20.23 30.64
C LEU D 84 -3.58 -19.12 29.64
N VAL D 85 -4.01 -19.34 28.40
CA VAL D 85 -3.86 -18.35 27.34
C VAL D 85 -4.70 -17.13 27.68
N VAL D 86 -5.82 -17.36 28.34
CA VAL D 86 -6.72 -16.29 28.74
C VAL D 86 -6.79 -16.15 30.25
N SER D 87 -5.68 -16.46 30.93
CA SER D 87 -5.62 -16.36 32.38
C SER D 87 -5.19 -14.94 32.73
N TYR D 88 -4.34 -14.36 31.89
CA TYR D 88 -3.88 -13.00 32.09
C TYR D 88 -4.74 -12.11 31.20
N VAL D 89 -5.10 -12.67 30.05
CA VAL D 89 -5.91 -11.95 29.08
C VAL D 89 -7.27 -11.55 29.65
N ASN D 90 -8.27 -12.39 29.45
CA ASN D 90 -9.62 -12.11 29.94
C ASN D 90 -9.67 -12.07 31.46
N THR D 91 -8.64 -11.52 32.09
CA THR D 91 -8.59 -11.45 33.54
C THR D 91 -7.67 -10.35 34.08
N ASN D 92 -6.39 -10.48 33.80
CA ASN D 92 -5.39 -9.53 34.27
C ASN D 92 -4.92 -8.52 33.22
N VAL D 93 -3.80 -8.81 32.57
CA VAL D 93 -3.23 -7.93 31.56
C VAL D 93 -4.13 -7.71 30.34
N GLY D 94 -5.34 -8.26 30.39
CA GLY D 94 -6.28 -8.09 29.30
C GLY D 94 -7.34 -7.11 29.72
N LEU D 95 -7.42 -6.88 31.02
CA LEU D 95 -8.38 -5.96 31.58
C LEU D 95 -7.92 -4.54 31.28
N LYS D 96 -6.60 -4.34 31.35
CA LYS D 96 -6.02 -3.03 31.07
C LYS D 96 -6.70 -2.41 29.87
N PHE D 97 -7.26 -3.27 29.03
CA PHE D 97 -7.96 -2.82 27.85
C PHE D 97 -9.40 -2.52 28.18
N ARG D 98 -10.13 -3.52 28.66
CA ARG D 98 -11.52 -3.33 29.01
C ARG D 98 -11.71 -1.99 29.70
N GLN D 99 -10.77 -1.65 30.57
CA GLN D 99 -10.84 -0.37 31.28
C GLN D 99 -10.63 0.71 30.24
N LEU D 100 -9.40 0.77 29.74
CA LEU D 100 -9.01 1.73 28.73
C LEU D 100 -10.10 1.90 27.70
N LEU D 101 -10.28 0.89 26.86
CA LEU D 101 -11.30 0.91 25.83
C LEU D 101 -12.54 1.61 26.33
N TRP D 102 -13.35 0.85 27.07
CA TRP D 102 -14.59 1.37 27.64
C TRP D 102 -14.47 2.86 27.90
N PHE D 103 -13.38 3.21 28.56
CA PHE D 103 -13.10 4.59 28.90
C PHE D 103 -13.30 5.52 27.70
N HIS D 104 -12.22 5.79 26.96
CA HIS D 104 -12.27 6.66 25.80
C HIS D 104 -13.66 6.77 25.19
N ILE D 105 -14.09 5.69 24.56
CA ILE D 105 -15.39 5.60 23.92
C ILE D 105 -16.42 6.49 24.58
N SER D 106 -16.73 6.16 25.83
CA SER D 106 -17.70 6.89 26.62
C SER D 106 -17.43 8.39 26.60
N ALA D 107 -16.17 8.75 26.80
CA ALA D 107 -15.77 10.15 26.81
C ALA D 107 -16.15 10.85 25.51
N LEU D 108 -15.62 10.34 24.40
CA LEU D 108 -15.89 10.92 23.09
C LEU D 108 -17.37 11.20 22.86
N THR D 109 -18.22 10.34 23.39
CA THR D 109 -19.65 10.51 23.21
C THR D 109 -20.30 11.32 24.33
N PHE D 110 -19.68 11.34 25.50
CA PHE D 110 -20.21 12.07 26.63
C PHE D 110 -19.29 13.19 27.11
N GLY D 111 -18.86 14.04 26.18
CA GLY D 111 -17.98 15.14 26.54
C GLY D 111 -16.60 14.70 26.99
N ARG D 112 -16.38 14.71 28.30
CA ARG D 112 -15.11 14.30 28.90
C ARG D 112 -15.19 14.49 30.40
N GLU D 113 -15.20 15.74 30.84
CA GLU D 113 -15.28 16.04 32.26
C GLU D 113 -16.48 15.33 32.85
N THR D 114 -17.62 15.50 32.21
CA THR D 114 -18.86 14.88 32.66
C THR D 114 -18.74 13.37 32.76
N VAL D 115 -17.68 12.82 32.16
CA VAL D 115 -17.43 11.39 32.19
C VAL D 115 -16.88 10.99 33.55
N LEU D 116 -15.88 11.74 34.00
CA LEU D 116 -15.25 11.48 35.28
C LEU D 116 -16.29 11.63 36.38
N GLU D 117 -16.84 12.83 36.50
CA GLU D 117 -17.85 13.15 37.50
C GLU D 117 -18.83 12.01 37.70
N TYR D 118 -18.93 11.14 36.70
CA TYR D 118 -19.82 9.99 36.78
C TYR D 118 -19.22 8.96 37.72
N LEU D 119 -18.24 8.22 37.22
CA LEU D 119 -17.57 7.19 38.00
C LEU D 119 -17.37 7.65 39.43
N VAL D 120 -17.00 8.92 39.57
CA VAL D 120 -16.79 9.49 40.89
C VAL D 120 -18.01 9.17 41.74
N SER D 121 -19.13 9.81 41.43
CA SER D 121 -20.37 9.60 42.15
C SER D 121 -20.91 8.20 41.88
N PHE D 122 -20.00 7.29 41.55
CA PHE D 122 -20.39 5.90 41.27
C PHE D 122 -19.52 4.94 42.04
N GLY D 123 -18.19 5.12 41.94
CA GLY D 123 -17.28 4.26 42.65
C GLY D 123 -17.61 4.31 44.12
N VAL D 124 -18.70 5.01 44.41
CA VAL D 124 -19.20 5.18 45.76
C VAL D 124 -20.29 4.15 46.01
N TRP D 125 -21.02 3.81 44.96
CA TRP D 125 -22.09 2.83 45.07
C TRP D 125 -21.52 1.59 45.73
N ILE D 126 -20.65 0.89 45.01
CA ILE D 126 -20.02 -0.33 45.52
C ILE D 126 -19.49 -0.16 46.94
N ARG D 127 -19.21 1.08 47.32
CA ARG D 127 -18.69 1.37 48.65
C ARG D 127 -19.83 1.52 49.64
N THR D 128 -20.99 1.93 49.15
CA THR D 128 -22.18 2.12 49.97
C THR D 128 -23.00 0.84 50.09
N PRO D 129 -23.49 0.54 51.31
CA PRO D 129 -24.30 -0.64 51.55
C PRO D 129 -25.45 -0.80 50.57
N PRO D 130 -25.86 -2.04 50.31
CA PRO D 130 -26.95 -2.35 49.38
C PRO D 130 -28.32 -1.83 49.81
N ALA D 131 -28.76 -2.27 50.98
CA ALA D 131 -30.06 -1.89 51.52
C ALA D 131 -30.26 -0.39 51.75
N TYR D 132 -29.17 0.37 51.75
CA TYR D 132 -29.26 1.80 51.98
C TYR D 132 -29.09 2.62 50.70
N ARG D 133 -28.10 2.25 49.88
CA ARG D 133 -27.82 2.93 48.63
C ARG D 133 -28.97 2.77 47.63
N PRO D 134 -29.40 3.87 46.99
CA PRO D 134 -30.49 3.80 46.02
C PRO D 134 -30.03 3.07 44.76
N PRO D 135 -30.68 1.93 44.45
CA PRO D 135 -30.34 1.12 43.27
C PRO D 135 -30.46 1.84 41.94
N ASN D 136 -29.59 2.83 41.72
CA ASN D 136 -29.59 3.59 40.48
C ASN D 136 -28.17 3.88 39.98
N ALA D 137 -27.72 5.11 40.12
CA ALA D 137 -26.39 5.53 39.67
C ALA D 137 -26.26 5.39 38.14
N PRO D 138 -27.16 6.05 37.40
CA PRO D 138 -27.19 6.02 35.93
C PRO D 138 -26.05 6.76 35.24
N ILE D 139 -25.95 6.58 33.93
CA ILE D 139 -24.92 7.23 33.12
C ILE D 139 -25.61 8.38 32.38
N LEU D 140 -25.79 9.49 33.08
CA LEU D 140 -26.43 10.69 32.54
C LEU D 140 -26.18 10.95 31.06
N SER D 141 -27.23 10.84 30.26
CA SER D 141 -27.16 11.08 28.83
C SER D 141 -27.56 12.51 28.49
N THR D 142 -27.05 13.46 29.27
CA THR D 142 -27.35 14.88 29.05
C THR D 142 -26.07 15.67 28.76
#